data_3DLN
#
_entry.id   3DLN
#
_cell.length_a   47.585
_cell.length_b   47.402
_cell.length_c   137.940
_cell.angle_alpha   90.00
_cell.angle_beta   90.00
_cell.angle_gamma   90.00
#
_symmetry.space_group_name_H-M   'P 2 2 21'
#
loop_
_entity.id
_entity.type
_entity.pdbx_description
1 polymer 'Glutamate receptor 3'
2 non-polymer 'ZINC ION'
3 non-polymer 'GLUTAMIC ACID'
4 water water
#
_entity_poly.entity_id   1
_entity_poly.type   'polypeptide(L)'
_entity_poly.pdbx_seq_one_letter_code
;LVPRGSAMGISNDSSRGANRTIVVTTILESPYVMYKKNHEQLEGNERYEGYCVDLAYEIAKHVRIKYKLSIVGDGKYGAR
DPETKIWNGMVGELVYGRADIAVAPLTITLVREEVIDFSKPFMSLGISIMIKKGTPIESAEDLAKQTEIAYGTLDSGSTK
EFFRRSKIAVYEKMWSYMKSAEPSVFTKTTADGVARVRKSKGKFAFLLESTMNEYIEQRKPCDTMKVGGNLDSKGYGVAT
PKGSALGTPVNLAVLKLSEQGILDKLKNKWWYDKGECG
;
_entity_poly.pdbx_strand_id   A
#
loop_
_chem_comp.id
_chem_comp.type
_chem_comp.name
_chem_comp.formula
ZN non-polymer 'ZINC ION' 'Zn 2'
#
# COMPACT_ATOMS: atom_id res chain seq x y z
N ARG A 20 12.72 -25.21 4.88
CA ARG A 20 13.24 -24.82 3.53
C ARG A 20 12.26 -23.86 2.85
N THR A 21 10.98 -24.20 2.87
CA THR A 21 9.97 -23.34 2.26
C THR A 21 9.83 -22.08 3.11
N ILE A 22 10.10 -20.92 2.53
CA ILE A 22 10.00 -19.69 3.29
C ILE A 22 8.58 -19.11 3.23
N VAL A 23 8.16 -18.50 4.32
CA VAL A 23 6.84 -17.91 4.40
C VAL A 23 6.90 -16.46 3.93
N VAL A 24 6.09 -16.14 2.93
CA VAL A 24 6.01 -14.79 2.38
C VAL A 24 4.70 -14.14 2.78
N THR A 25 4.74 -13.24 3.74
CA THR A 25 3.52 -12.58 4.16
C THR A 25 3.19 -11.48 3.16
N THR A 26 1.91 -11.27 2.91
CA THR A 26 1.49 -10.23 1.98
C THR A 26 0.09 -9.78 2.35
N ILE A 27 -0.54 -8.96 1.52
CA ILE A 27 -1.86 -8.45 1.85
C ILE A 27 -2.79 -8.36 0.64
N LEU A 28 -4.08 -8.61 0.86
CA LEU A 28 -5.05 -8.54 -0.22
C LEU A 28 -5.33 -7.07 -0.50
N GLU A 29 -4.62 -6.54 -1.49
CA GLU A 29 -4.74 -5.15 -1.90
C GLU A 29 -4.57 -5.14 -3.41
N SER A 30 -5.60 -4.68 -4.12
CA SER A 30 -5.54 -4.65 -5.58
C SER A 30 -4.65 -3.51 -6.06
N PRO A 31 -3.87 -3.73 -7.14
CA PRO A 31 -3.77 -4.96 -7.94
C PRO A 31 -2.54 -5.77 -7.55
N TYR A 32 -2.04 -5.54 -6.35
CA TYR A 32 -0.85 -6.24 -5.86
C TYR A 32 -1.11 -7.73 -5.60
N VAL A 33 -2.15 -8.01 -4.81
CA VAL A 33 -2.52 -9.39 -4.52
C VAL A 33 -4.04 -9.48 -4.50
N MET A 34 -4.57 -10.32 -5.38
CA MET A 34 -6.02 -10.49 -5.50
C MET A 34 -6.34 -11.97 -5.69
N TYR A 35 -7.57 -12.36 -5.34
CA TYR A 35 -8.00 -13.73 -5.52
C TYR A 35 -8.25 -13.92 -7.01
N LYS A 36 -7.78 -15.02 -7.58
CA LYS A 36 -8.05 -15.27 -8.99
C LYS A 36 -9.52 -15.63 -9.12
N LYS A 37 -10.08 -15.47 -10.32
CA LYS A 37 -11.49 -15.74 -10.57
C LYS A 37 -12.05 -16.99 -9.88
N ASN A 38 -11.33 -18.10 -10.01
CA ASN A 38 -11.75 -19.37 -9.43
C ASN A 38 -10.87 -19.84 -8.27
N HIS A 39 -10.49 -18.92 -7.41
CA HIS A 39 -9.65 -19.22 -6.27
C HIS A 39 -10.20 -20.30 -5.33
N GLU A 40 -11.51 -20.35 -5.18
CA GLU A 40 -12.13 -21.35 -4.31
C GLU A 40 -11.88 -22.77 -4.80
N GLN A 41 -11.49 -22.90 -6.06
CA GLN A 41 -11.20 -24.20 -6.66
C GLN A 41 -9.70 -24.50 -6.68
N LEU A 42 -8.90 -23.56 -6.18
CA LEU A 42 -7.46 -23.72 -6.16
C LEU A 42 -6.89 -23.75 -4.75
N GLU A 43 -5.59 -24.03 -4.65
CA GLU A 43 -4.90 -24.10 -3.36
C GLU A 43 -3.54 -23.43 -3.40
N GLY A 44 -2.99 -23.15 -2.22
CA GLY A 44 -1.70 -22.53 -2.13
C GLY A 44 -1.55 -21.25 -2.92
N ASN A 45 -0.37 -21.05 -3.49
CA ASN A 45 -0.08 -19.83 -4.25
C ASN A 45 -0.97 -19.63 -5.46
N GLU A 46 -1.52 -20.71 -6.01
CA GLU A 46 -2.38 -20.60 -7.19
C GLU A 46 -3.68 -19.86 -6.92
N ARG A 47 -3.99 -19.59 -5.66
CA ARG A 47 -5.22 -18.88 -5.32
C ARG A 47 -5.14 -17.40 -5.64
N TYR A 48 -3.92 -16.87 -5.73
CA TYR A 48 -3.71 -15.45 -5.95
C TYR A 48 -3.06 -15.03 -7.26
N GLU A 49 -3.24 -13.77 -7.60
CA GLU A 49 -2.63 -13.18 -8.80
C GLU A 49 -2.43 -11.70 -8.53
N GLY A 50 -1.50 -11.09 -9.26
CA GLY A 50 -1.25 -9.67 -9.07
C GLY A 50 0.21 -9.30 -9.16
N TYR A 51 0.46 -8.00 -9.10
CA TYR A 51 1.82 -7.47 -9.20
C TYR A 51 2.79 -8.10 -8.20
N CYS A 52 2.39 -8.17 -6.94
CA CYS A 52 3.27 -8.74 -5.93
C CYS A 52 3.36 -10.25 -5.99
N VAL A 53 2.36 -10.89 -6.56
CA VAL A 53 2.39 -12.34 -6.70
C VAL A 53 3.46 -12.62 -7.74
N ASP A 54 3.48 -11.82 -8.81
CA ASP A 54 4.48 -11.98 -9.88
C ASP A 54 5.86 -11.58 -9.34
N LEU A 55 5.91 -10.50 -8.58
CA LEU A 55 7.18 -10.04 -8.02
C LEU A 55 7.80 -11.11 -7.12
N ALA A 56 6.99 -11.73 -6.27
CA ALA A 56 7.48 -12.77 -5.37
C ALA A 56 8.05 -13.92 -6.21
N TYR A 57 7.34 -14.27 -7.29
CA TYR A 57 7.79 -15.34 -8.17
C TYR A 57 9.16 -15.01 -8.76
N GLU A 58 9.32 -13.81 -9.28
CA GLU A 58 10.59 -13.38 -9.88
C GLU A 58 11.74 -13.35 -8.86
N ILE A 59 11.46 -12.81 -7.68
CA ILE A 59 12.47 -12.72 -6.64
C ILE A 59 12.91 -14.12 -6.21
N ALA A 60 11.93 -14.99 -5.99
CA ALA A 60 12.22 -16.36 -5.57
C ALA A 60 13.09 -17.06 -6.61
N LYS A 61 12.85 -16.74 -7.88
CA LYS A 61 13.61 -17.33 -8.98
C LYS A 61 15.09 -16.94 -8.93
N HIS A 62 15.37 -15.67 -8.59
CA HIS A 62 16.74 -15.20 -8.51
C HIS A 62 17.43 -15.62 -7.20
N VAL A 63 16.65 -15.67 -6.12
CA VAL A 63 17.19 -16.05 -4.82
C VAL A 63 17.23 -17.57 -4.69
N ARG A 64 16.56 -18.26 -5.62
CA ARG A 64 16.49 -19.72 -5.63
C ARG A 64 15.93 -20.28 -4.35
N ILE A 65 14.66 -19.98 -4.09
CA ILE A 65 13.99 -20.44 -2.89
C ILE A 65 12.57 -20.89 -3.19
N LYS A 66 12.04 -21.79 -2.36
CA LYS A 66 10.67 -22.26 -2.51
C LYS A 66 9.94 -21.40 -1.49
N TYR A 67 8.73 -20.99 -1.81
CA TYR A 67 7.98 -20.12 -0.90
C TYR A 67 6.48 -20.37 -0.91
N LYS A 68 5.82 -19.87 0.12
CA LYS A 68 4.37 -20.00 0.26
C LYS A 68 3.82 -18.63 0.65
N LEU A 69 2.88 -18.13 -0.12
CA LEU A 69 2.27 -16.83 0.15
C LEU A 69 1.29 -16.97 1.30
N SER A 70 1.29 -15.98 2.19
CA SER A 70 0.40 -15.99 3.35
C SER A 70 -0.23 -14.62 3.56
N ILE A 71 -1.55 -14.54 3.39
CA ILE A 71 -2.23 -13.26 3.58
C ILE A 71 -2.24 -12.95 5.07
N VAL A 72 -1.71 -11.79 5.43
CA VAL A 72 -1.63 -11.38 6.82
C VAL A 72 -3.00 -11.45 7.50
N GLY A 73 -3.04 -12.16 8.64
CA GLY A 73 -4.27 -12.36 9.38
C GLY A 73 -5.11 -11.13 9.73
N ASP A 74 -4.48 -10.08 10.24
CA ASP A 74 -5.24 -8.89 10.61
C ASP A 74 -5.46 -7.92 9.47
N GLY A 75 -4.96 -8.27 8.28
CA GLY A 75 -5.14 -7.43 7.12
C GLY A 75 -4.56 -6.03 7.23
N LYS A 76 -3.53 -5.87 8.05
CA LYS A 76 -2.91 -4.56 8.22
C LYS A 76 -1.48 -4.52 7.70
N TYR A 77 -1.00 -3.32 7.41
CA TYR A 77 0.35 -3.15 6.91
C TYR A 77 1.39 -3.25 8.01
N GLY A 78 1.22 -2.46 9.07
CA GLY A 78 2.17 -2.52 10.15
C GLY A 78 2.32 -1.24 10.95
N ALA A 79 2.01 -1.33 12.24
CA ALA A 79 2.11 -0.20 13.15
C ALA A 79 2.32 -0.70 14.57
N ARG A 80 3.03 0.08 15.38
CA ARG A 80 3.27 -0.32 16.77
C ARG A 80 2.26 0.34 17.71
N ASP A 81 1.69 -0.45 18.61
CA ASP A 81 0.74 0.09 19.57
C ASP A 81 1.55 0.84 20.63
N PRO A 82 1.31 2.16 20.77
CA PRO A 82 2.03 2.97 21.75
C PRO A 82 1.94 2.47 23.18
N GLU A 83 0.92 1.66 23.46
CA GLU A 83 0.70 1.10 24.78
C GLU A 83 1.43 -0.23 24.98
N THR A 84 1.00 -1.23 24.22
CA THR A 84 1.59 -2.57 24.32
C THR A 84 2.95 -2.66 23.62
N LYS A 85 3.20 -1.74 22.70
CA LYS A 85 4.46 -1.71 21.96
C LYS A 85 4.55 -2.88 20.99
N ILE A 86 3.44 -3.58 20.79
CA ILE A 86 3.39 -4.73 19.89
C ILE A 86 3.12 -4.30 18.46
N TRP A 87 3.90 -4.84 17.51
CA TRP A 87 3.70 -4.51 16.11
C TRP A 87 2.63 -5.42 15.50
N ASN A 88 1.74 -4.84 14.71
CA ASN A 88 0.71 -5.65 14.04
C ASN A 88 1.01 -5.69 12.56
N GLY A 89 0.10 -6.26 11.78
CA GLY A 89 0.27 -6.33 10.34
C GLY A 89 1.44 -7.16 9.87
N MET A 90 1.85 -6.94 8.62
CA MET A 90 2.98 -7.67 8.04
C MET A 90 4.27 -7.37 8.80
N VAL A 91 4.46 -6.11 9.19
CA VAL A 91 5.67 -5.77 9.92
C VAL A 91 5.76 -6.68 11.15
N GLY A 92 4.64 -6.84 11.83
CA GLY A 92 4.60 -7.69 13.02
C GLY A 92 4.94 -9.14 12.71
N GLU A 93 4.45 -9.65 11.58
CA GLU A 93 4.74 -11.04 11.22
C GLU A 93 6.25 -11.24 11.10
N LEU A 94 6.95 -10.21 10.63
CA LEU A 94 8.40 -10.29 10.46
C LEU A 94 9.13 -10.13 11.79
N VAL A 95 8.72 -9.13 12.55
CA VAL A 95 9.33 -8.86 13.84
C VAL A 95 9.24 -10.05 14.80
N TYR A 96 8.10 -10.74 14.80
CA TYR A 96 7.93 -11.88 15.70
C TYR A 96 8.29 -13.23 15.09
N GLY A 97 8.93 -13.20 13.93
CA GLY A 97 9.38 -14.41 13.27
C GLY A 97 8.34 -15.34 12.67
N ARG A 98 7.15 -14.84 12.40
CA ARG A 98 6.11 -15.68 11.81
C ARG A 98 6.21 -15.70 10.28
N ALA A 99 6.91 -14.71 9.73
CA ALA A 99 7.10 -14.61 8.28
C ALA A 99 8.58 -14.42 8.00
N ASP A 100 9.04 -14.89 6.85
CA ASP A 100 10.44 -14.79 6.49
C ASP A 100 10.71 -13.58 5.61
N ILE A 101 9.68 -13.20 4.85
CA ILE A 101 9.80 -12.07 3.96
C ILE A 101 8.40 -11.51 3.68
N ALA A 102 8.34 -10.21 3.38
CA ALA A 102 7.09 -9.58 3.05
C ALA A 102 7.22 -8.96 1.67
N VAL A 103 6.36 -9.39 0.75
CA VAL A 103 6.35 -8.86 -0.61
C VAL A 103 4.98 -8.23 -0.78
N ALA A 104 4.93 -6.92 -0.62
CA ALA A 104 3.67 -6.18 -0.70
C ALA A 104 3.96 -4.69 -0.85
N PRO A 105 2.91 -3.88 -1.07
CA PRO A 105 3.16 -2.43 -1.21
C PRO A 105 3.38 -1.87 0.19
N LEU A 106 4.48 -2.29 0.82
CA LEU A 106 4.83 -1.85 2.17
C LEU A 106 5.80 -0.67 2.05
N THR A 107 5.36 0.48 2.55
CA THR A 107 6.15 1.71 2.49
C THR A 107 7.37 1.72 3.40
N ILE A 108 8.50 2.13 2.84
CA ILE A 108 9.75 2.23 3.59
C ILE A 108 9.66 3.49 4.45
N THR A 109 9.63 3.30 5.78
CA THR A 109 9.54 4.42 6.71
C THR A 109 10.63 4.30 7.78
N LEU A 110 10.91 5.41 8.46
CA LEU A 110 11.94 5.41 9.49
C LEU A 110 11.63 4.44 10.62
N VAL A 111 10.43 4.54 11.20
CA VAL A 111 10.08 3.65 12.31
C VAL A 111 10.15 2.17 11.96
N ARG A 112 9.78 1.81 10.74
CA ARG A 112 9.84 0.41 10.34
C ARG A 112 11.30 -0.01 10.14
N GLU A 113 12.09 0.86 9.54
CA GLU A 113 13.50 0.58 9.28
C GLU A 113 14.22 0.30 10.61
N GLU A 114 13.68 0.80 11.71
CA GLU A 114 14.29 0.56 13.01
C GLU A 114 14.10 -0.88 13.50
N VAL A 115 13.07 -1.56 13.00
CA VAL A 115 12.80 -2.93 13.44
C VAL A 115 12.87 -4.04 12.39
N ILE A 116 12.84 -3.68 11.11
CA ILE A 116 12.96 -4.68 10.04
C ILE A 116 13.88 -4.13 8.95
N ASP A 117 14.23 -4.95 7.97
CA ASP A 117 15.08 -4.52 6.87
C ASP A 117 14.24 -4.33 5.59
N PHE A 118 14.69 -3.44 4.73
CA PHE A 118 14.00 -3.14 3.48
C PHE A 118 14.96 -3.16 2.31
N SER A 119 14.50 -3.71 1.20
CA SER A 119 15.32 -3.72 -0.01
C SER A 119 15.16 -2.31 -0.56
N LYS A 120 15.97 -1.96 -1.56
CA LYS A 120 15.84 -0.66 -2.20
C LYS A 120 14.45 -0.73 -2.82
N PRO A 121 13.82 0.43 -3.08
CA PRO A 121 12.47 0.50 -3.66
C PRO A 121 12.25 -0.23 -4.99
N PHE A 122 11.12 -0.95 -5.09
CA PHE A 122 10.79 -1.62 -6.34
C PHE A 122 9.70 -0.80 -7.03
N MET A 123 9.22 0.23 -6.32
CA MET A 123 8.19 1.13 -6.84
C MET A 123 8.33 2.48 -6.13
N SER A 124 8.18 3.57 -6.87
CA SER A 124 8.30 4.91 -6.31
C SER A 124 6.90 5.54 -6.28
N LEU A 125 6.54 6.18 -5.17
CA LEU A 125 5.22 6.78 -5.06
C LEU A 125 5.17 7.92 -4.05
N GLY A 126 3.95 8.42 -3.83
CA GLY A 126 3.73 9.50 -2.88
C GLY A 126 2.26 9.55 -2.51
N ILE A 127 1.95 10.18 -1.38
CA ILE A 127 0.56 10.29 -0.97
C ILE A 127 -0.15 11.21 -1.96
N SER A 128 -1.38 10.85 -2.31
CA SER A 128 -2.15 11.61 -3.28
C SER A 128 -3.60 11.79 -2.85
N ILE A 129 -4.36 12.54 -3.64
CA ILE A 129 -5.77 12.77 -3.31
C ILE A 129 -6.69 12.14 -4.34
N MET A 130 -7.69 11.41 -3.85
CA MET A 130 -8.66 10.77 -4.73
C MET A 130 -10.01 11.46 -4.53
N ILE A 131 -10.63 11.87 -5.63
CA ILE A 131 -11.93 12.52 -5.56
C ILE A 131 -12.86 11.84 -6.54
N LYS A 132 -14.16 12.04 -6.35
CA LYS A 132 -15.14 11.52 -7.28
C LYS A 132 -15.11 12.62 -8.34
N LYS A 133 -15.13 12.27 -9.61
CA LYS A 133 -15.07 13.28 -10.66
C LYS A 133 -16.11 14.38 -10.44
N GLY A 134 -15.67 15.62 -10.62
CA GLY A 134 -16.57 16.75 -10.44
C GLY A 134 -16.42 17.44 -9.10
N THR A 135 -15.75 16.78 -8.16
CA THR A 135 -15.53 17.36 -6.84
C THR A 135 -14.67 18.61 -6.97
N PRO A 136 -15.10 19.74 -6.35
CA PRO A 136 -14.39 21.02 -6.38
C PRO A 136 -13.12 21.06 -5.54
N ILE A 137 -12.20 20.13 -5.79
CA ILE A 137 -10.94 20.07 -5.04
C ILE A 137 -9.78 19.80 -5.99
N GLU A 138 -8.70 20.57 -5.84
CA GLU A 138 -7.52 20.42 -6.70
C GLU A 138 -6.21 20.24 -5.93
N SER A 139 -6.27 20.37 -4.61
CA SER A 139 -5.06 20.24 -3.79
C SER A 139 -5.35 20.03 -2.32
N ALA A 140 -4.30 19.79 -1.55
CA ALA A 140 -4.41 19.58 -0.11
C ALA A 140 -4.94 20.87 0.54
N GLU A 141 -4.46 22.00 0.07
CA GLU A 141 -4.89 23.29 0.59
C GLU A 141 -6.39 23.46 0.42
N ASP A 142 -6.91 23.02 -0.73
CA ASP A 142 -8.35 23.13 -1.01
C ASP A 142 -9.17 22.33 0.01
N LEU A 143 -8.69 21.16 0.39
CA LEU A 143 -9.40 20.33 1.36
C LEU A 143 -9.33 20.94 2.75
N ALA A 144 -8.12 21.35 3.15
CA ALA A 144 -7.89 21.93 4.46
C ALA A 144 -8.66 23.21 4.78
N LYS A 145 -8.90 24.04 3.76
CA LYS A 145 -9.60 25.31 3.98
C LYS A 145 -11.13 25.25 3.97
N GLN A 146 -11.69 24.04 3.96
CA GLN A 146 -13.13 23.89 3.96
C GLN A 146 -13.57 22.67 4.78
N THR A 147 -14.86 22.53 5.00
CA THR A 147 -15.38 21.41 5.78
C THR A 147 -16.58 20.73 5.15
N GLU A 148 -17.04 21.25 4.01
CA GLU A 148 -18.19 20.67 3.34
C GLU A 148 -17.85 19.29 2.81
N ILE A 149 -16.61 19.14 2.36
CA ILE A 149 -16.13 17.88 1.83
C ILE A 149 -15.27 17.20 2.89
N ALA A 150 -15.68 16.03 3.34
CA ALA A 150 -14.93 15.29 4.34
C ALA A 150 -13.82 14.53 3.64
N TYR A 151 -12.80 14.12 4.40
CA TYR A 151 -11.69 13.36 3.84
C TYR A 151 -11.02 12.50 4.91
N GLY A 152 -10.47 11.36 4.49
CA GLY A 152 -9.82 10.46 5.43
C GLY A 152 -8.67 9.67 4.81
N THR A 153 -8.25 8.61 5.50
CA THR A 153 -7.14 7.77 5.02
C THR A 153 -7.30 6.34 5.56
N LEU A 154 -6.45 5.44 5.09
CA LEU A 154 -6.47 4.06 5.55
C LEU A 154 -6.00 4.12 7.00
N ASP A 155 -6.61 3.32 7.86
CA ASP A 155 -6.22 3.33 9.25
C ASP A 155 -5.02 2.41 9.50
N SER A 156 -4.12 2.84 10.37
CA SER A 156 -2.94 2.06 10.74
C SER A 156 -1.87 1.87 9.67
N GLY A 157 -1.76 2.82 8.74
CA GLY A 157 -0.75 2.71 7.69
C GLY A 157 0.19 3.91 7.69
N SER A 158 1.09 3.98 6.69
CA SER A 158 2.05 5.07 6.62
C SER A 158 1.43 6.43 6.30
N THR A 159 0.32 6.44 5.56
CA THR A 159 -0.35 7.70 5.21
C THR A 159 -0.94 8.37 6.45
N LYS A 160 -1.58 7.58 7.31
CA LYS A 160 -2.15 8.15 8.53
C LYS A 160 -1.02 8.72 9.37
N GLU A 161 0.09 7.98 9.46
CA GLU A 161 1.24 8.43 10.24
C GLU A 161 1.81 9.73 9.68
N PHE A 162 1.79 9.87 8.35
CA PHE A 162 2.28 11.07 7.68
C PHE A 162 1.60 12.33 8.26
N PHE A 163 0.28 12.32 8.27
CA PHE A 163 -0.48 13.46 8.79
C PHE A 163 -0.31 13.63 10.28
N ARG A 164 -0.29 12.52 11.02
CA ARG A 164 -0.12 12.56 12.46
C ARG A 164 1.23 13.20 12.83
N ARG A 165 2.27 12.89 12.05
CA ARG A 165 3.61 13.40 12.32
C ARG A 165 4.03 14.68 11.61
N SER A 166 3.27 15.12 10.62
CA SER A 166 3.65 16.32 9.87
C SER A 166 3.71 17.61 10.68
N LYS A 167 4.71 18.45 10.36
CA LYS A 167 4.88 19.74 11.01
C LYS A 167 4.62 20.85 10.01
N ILE A 168 4.05 20.48 8.86
CA ILE A 168 3.72 21.43 7.81
C ILE A 168 2.30 21.91 8.09
N ALA A 169 2.12 23.23 8.17
CA ALA A 169 0.82 23.84 8.46
C ALA A 169 -0.40 23.18 7.83
N VAL A 170 -0.46 23.18 6.50
CA VAL A 170 -1.59 22.60 5.79
C VAL A 170 -1.92 21.18 6.22
N TYR A 171 -0.90 20.36 6.43
CA TYR A 171 -1.13 18.98 6.83
C TYR A 171 -1.50 18.88 8.30
N GLU A 172 -1.01 19.82 9.10
CA GLU A 172 -1.32 19.84 10.52
C GLU A 172 -2.82 20.15 10.67
N LYS A 173 -3.32 20.99 9.76
CA LYS A 173 -4.72 21.37 9.77
C LYS A 173 -5.57 20.16 9.40
N MET A 174 -5.10 19.41 8.40
CA MET A 174 -5.81 18.23 7.95
C MET A 174 -5.86 17.16 9.03
N TRP A 175 -4.75 16.95 9.74
CA TRP A 175 -4.71 15.96 10.80
C TRP A 175 -5.65 16.37 11.93
N SER A 176 -5.70 17.68 12.21
CA SER A 176 -6.56 18.21 13.25
C SER A 176 -8.01 17.85 12.97
N TYR A 177 -8.41 17.96 11.70
CA TYR A 177 -9.76 17.64 11.29
C TYR A 177 -10.04 16.14 11.35
N MET A 178 -9.23 15.35 10.65
CA MET A 178 -9.41 13.89 10.61
C MET A 178 -9.36 13.24 11.98
N LYS A 179 -8.40 13.65 12.80
CA LYS A 179 -8.23 13.10 14.13
C LYS A 179 -9.52 13.10 14.96
N SER A 180 -10.30 14.17 14.83
CA SER A 180 -11.54 14.28 15.59
C SER A 180 -12.82 14.14 14.75
N ALA A 181 -12.68 13.82 13.47
CA ALA A 181 -13.83 13.68 12.59
C ALA A 181 -14.82 12.66 13.14
N GLU A 182 -16.11 12.94 12.93
CA GLU A 182 -17.17 12.07 13.42
C GLU A 182 -18.33 12.10 12.42
N PRO A 183 -18.68 10.94 11.83
CA PRO A 183 -18.12 9.60 12.02
C PRO A 183 -16.65 9.51 11.59
N SER A 184 -16.00 8.41 11.97
CA SER A 184 -14.60 8.19 11.64
C SER A 184 -14.32 8.22 10.14
N VAL A 185 -13.22 8.88 9.78
CA VAL A 185 -12.83 8.96 8.38
C VAL A 185 -11.66 8.04 8.08
N PHE A 186 -11.30 7.20 9.06
CA PHE A 186 -10.21 6.24 8.88
C PHE A 186 -10.81 4.88 8.55
N THR A 187 -10.57 4.41 7.33
CA THR A 187 -11.11 3.13 6.87
C THR A 187 -10.17 1.98 7.19
N LYS A 188 -10.73 0.77 7.28
CA LYS A 188 -9.91 -0.40 7.59
C LYS A 188 -9.20 -0.96 6.36
N THR A 189 -9.75 -0.69 5.17
CA THR A 189 -9.14 -1.13 3.93
C THR A 189 -9.20 -0.02 2.89
N THR A 190 -8.33 -0.09 1.91
CA THR A 190 -8.30 0.90 0.85
C THR A 190 -9.64 0.83 0.11
N ALA A 191 -10.12 -0.39 -0.09
CA ALA A 191 -11.38 -0.63 -0.79
C ALA A 191 -12.54 0.14 -0.17
N ASP A 192 -12.61 0.17 1.16
CA ASP A 192 -13.68 0.89 1.84
C ASP A 192 -13.59 2.38 1.55
N GLY A 193 -12.35 2.89 1.54
CA GLY A 193 -12.15 4.30 1.27
C GLY A 193 -12.66 4.67 -0.11
N VAL A 194 -12.30 3.84 -1.09
CA VAL A 194 -12.72 4.07 -2.47
C VAL A 194 -14.25 4.01 -2.57
N ALA A 195 -14.84 3.00 -1.94
CA ALA A 195 -16.29 2.84 -1.96
C ALA A 195 -16.96 4.08 -1.38
N ARG A 196 -16.42 4.58 -0.28
CA ARG A 196 -16.99 5.76 0.38
C ARG A 196 -16.90 6.97 -0.54
N VAL A 197 -15.80 7.10 -1.29
CA VAL A 197 -15.65 8.20 -2.22
C VAL A 197 -16.72 8.08 -3.29
N ARG A 198 -16.85 6.89 -3.86
CA ARG A 198 -17.81 6.62 -4.92
C ARG A 198 -19.28 6.77 -4.54
N LYS A 199 -19.60 6.56 -3.26
CA LYS A 199 -20.99 6.65 -2.80
C LYS A 199 -21.35 7.99 -2.16
N SER A 200 -20.36 8.84 -1.90
CA SER A 200 -20.59 10.12 -1.25
C SER A 200 -21.01 11.29 -2.14
N LYS A 201 -21.27 11.02 -3.41
CA LYS A 201 -21.69 12.07 -4.34
C LYS A 201 -20.74 13.26 -4.32
N GLY A 202 -19.46 12.99 -4.08
CA GLY A 202 -18.47 14.06 -4.07
C GLY A 202 -18.26 14.76 -2.73
N LYS A 203 -18.86 14.23 -1.67
CA LYS A 203 -18.71 14.85 -0.36
C LYS A 203 -17.63 14.17 0.48
N PHE A 204 -16.92 13.24 -0.12
CA PHE A 204 -15.83 12.55 0.55
C PHE A 204 -14.65 12.37 -0.40
N ALA A 205 -13.46 12.67 0.09
CA ALA A 205 -12.23 12.51 -0.68
C ALA A 205 -11.35 11.56 0.13
N PHE A 206 -10.49 10.80 -0.54
CA PHE A 206 -9.63 9.83 0.14
C PHE A 206 -8.15 10.12 -0.09
N LEU A 207 -7.36 10.02 0.97
CA LEU A 207 -5.93 10.25 0.86
C LEU A 207 -5.25 8.89 0.80
N LEU A 208 -4.64 8.59 -0.34
CA LEU A 208 -3.97 7.31 -0.53
C LEU A 208 -2.76 7.46 -1.44
N GLU A 209 -1.92 6.44 -1.47
CA GLU A 209 -0.71 6.50 -2.29
C GLU A 209 -1.03 6.51 -3.79
N SER A 210 -0.25 7.30 -4.53
CA SER A 210 -0.44 7.49 -5.97
C SER A 210 -0.66 6.20 -6.76
N THR A 211 0.09 5.16 -6.39
CA THR A 211 -0.03 3.85 -7.03
C THR A 211 -1.47 3.33 -6.98
N MET A 212 -2.04 3.28 -5.77
CA MET A 212 -3.41 2.79 -5.62
C MET A 212 -4.37 3.72 -6.35
N ASN A 213 -4.13 5.01 -6.22
CA ASN A 213 -4.95 6.03 -6.86
C ASN A 213 -4.97 5.82 -8.38
N GLU A 214 -3.79 5.70 -8.98
CA GLU A 214 -3.66 5.52 -10.43
C GLU A 214 -4.32 4.24 -10.92
N TYR A 215 -4.33 3.22 -10.08
CA TYR A 215 -4.94 1.94 -10.45
C TYR A 215 -6.46 2.06 -10.50
N ILE A 216 -7.04 2.60 -9.42
CA ILE A 216 -8.48 2.75 -9.31
C ILE A 216 -9.01 3.64 -10.45
N GLU A 217 -8.22 4.66 -10.79
CA GLU A 217 -8.58 5.59 -11.85
C GLU A 217 -8.77 4.90 -13.21
N GLN A 218 -8.15 3.72 -13.37
CA GLN A 218 -8.23 2.95 -14.62
C GLN A 218 -9.27 1.83 -14.60
N ARG A 219 -10.10 1.80 -13.56
CA ARG A 219 -11.11 0.77 -13.39
C ARG A 219 -12.53 1.32 -13.46
N LYS A 220 -13.47 0.56 -14.01
CA LYS A 220 -14.86 1.00 -14.08
C LYS A 220 -15.34 1.11 -12.64
N PRO A 221 -16.34 1.96 -12.37
CA PRO A 221 -17.12 2.86 -13.24
C PRO A 221 -16.36 4.08 -13.77
N CYS A 222 -15.05 4.11 -13.61
CA CYS A 222 -14.25 5.24 -14.07
C CYS A 222 -14.81 6.55 -13.55
N ASP A 223 -15.20 6.57 -12.28
CA ASP A 223 -15.79 7.77 -11.68
C ASP A 223 -14.89 8.49 -10.67
N THR A 224 -13.63 8.08 -10.59
CA THR A 224 -12.69 8.72 -9.67
C THR A 224 -11.47 9.20 -10.45
N MET A 225 -10.68 10.07 -9.83
CA MET A 225 -9.47 10.58 -10.46
C MET A 225 -8.53 11.13 -9.41
N LYS A 226 -7.24 11.15 -9.73
CA LYS A 226 -6.22 11.67 -8.84
C LYS A 226 -6.06 13.15 -9.18
N VAL A 227 -6.11 14.01 -8.17
CA VAL A 227 -5.96 15.44 -8.39
C VAL A 227 -4.73 16.02 -7.69
N GLY A 228 -4.06 16.93 -8.38
CA GLY A 228 -2.88 17.56 -7.82
C GLY A 228 -1.65 16.67 -7.84
N GLY A 229 -0.53 17.19 -7.36
CA GLY A 229 0.68 16.40 -7.33
C GLY A 229 0.72 15.58 -6.05
N ASN A 230 1.77 14.79 -5.87
CA ASN A 230 1.86 13.98 -4.66
C ASN A 230 2.38 14.83 -3.49
N LEU A 231 2.03 14.41 -2.28
CA LEU A 231 2.42 15.14 -1.08
C LEU A 231 3.85 14.86 -0.62
N ASP A 232 4.39 13.72 -1.02
CA ASP A 232 5.76 13.36 -0.65
C ASP A 232 6.33 12.40 -1.68
N SER A 233 7.60 12.04 -1.52
CA SER A 233 8.26 11.12 -2.45
C SER A 233 8.95 9.99 -1.68
N LYS A 234 8.46 8.76 -1.89
CA LYS A 234 9.02 7.62 -1.19
C LYS A 234 8.92 6.35 -2.03
N GLY A 235 9.07 5.19 -1.39
CA GLY A 235 8.98 3.95 -2.14
C GLY A 235 8.60 2.73 -1.32
N TYR A 236 8.26 1.65 -2.02
CA TYR A 236 7.92 0.39 -1.36
C TYR A 236 9.16 -0.50 -1.42
N GLY A 237 9.35 -1.30 -0.38
CA GLY A 237 10.49 -2.20 -0.35
C GLY A 237 10.08 -3.58 0.11
N VAL A 238 10.79 -4.61 -0.34
CA VAL A 238 10.52 -5.98 0.09
C VAL A 238 11.21 -6.07 1.44
N ALA A 239 10.46 -6.46 2.47
CA ALA A 239 11.01 -6.52 3.82
C ALA A 239 11.36 -7.90 4.36
N THR A 240 12.39 -7.91 5.22
CA THR A 240 12.87 -9.13 5.85
C THR A 240 13.20 -8.80 7.31
N PRO A 241 13.17 -9.82 8.20
CA PRO A 241 13.50 -9.58 9.60
C PRO A 241 14.87 -8.93 9.70
N LYS A 242 15.06 -8.08 10.69
CA LYS A 242 16.34 -7.38 10.85
C LYS A 242 17.49 -8.36 10.99
N GLY A 243 18.50 -8.21 10.13
CA GLY A 243 19.65 -9.09 10.17
C GLY A 243 19.48 -10.41 9.44
N SER A 244 18.34 -10.58 8.75
CA SER A 244 18.06 -11.80 8.01
C SER A 244 19.05 -12.04 6.87
N ALA A 245 19.40 -13.31 6.66
CA ALA A 245 20.33 -13.69 5.61
C ALA A 245 19.72 -13.55 4.21
N LEU A 246 18.42 -13.32 4.14
CA LEU A 246 17.77 -13.17 2.84
C LEU A 246 17.83 -11.72 2.34
N GLY A 247 18.06 -10.80 3.27
CA GLY A 247 18.12 -9.38 2.91
C GLY A 247 19.00 -9.02 1.72
N THR A 248 20.26 -9.43 1.76
CA THR A 248 21.19 -9.14 0.68
C THR A 248 20.74 -9.70 -0.68
N PRO A 249 20.48 -11.01 -0.76
CA PRO A 249 20.05 -11.61 -2.02
C PRO A 249 18.79 -10.95 -2.58
N VAL A 250 17.85 -10.67 -1.70
CA VAL A 250 16.58 -10.04 -2.10
C VAL A 250 16.84 -8.63 -2.63
N ASN A 251 17.74 -7.90 -1.98
CA ASN A 251 18.04 -6.54 -2.43
C ASN A 251 18.62 -6.56 -3.83
N LEU A 252 19.59 -7.44 -4.06
CA LEU A 252 20.23 -7.56 -5.35
C LEU A 252 19.24 -8.04 -6.41
N ALA A 253 18.30 -8.89 -5.99
CA ALA A 253 17.28 -9.40 -6.91
C ALA A 253 16.40 -8.25 -7.36
N VAL A 254 16.02 -7.40 -6.41
CA VAL A 254 15.17 -6.25 -6.71
C VAL A 254 15.87 -5.30 -7.69
N LEU A 255 17.15 -5.03 -7.45
CA LEU A 255 17.90 -4.14 -8.34
C LEU A 255 18.05 -4.74 -9.74
N LYS A 256 18.22 -6.06 -9.84
CA LYS A 256 18.35 -6.67 -11.15
C LYS A 256 17.02 -6.59 -11.91
N LEU A 257 15.92 -6.82 -11.20
CA LEU A 257 14.59 -6.75 -11.83
C LEU A 257 14.31 -5.34 -12.31
N SER A 258 14.80 -4.38 -11.55
CA SER A 258 14.63 -2.96 -11.88
C SER A 258 15.40 -2.64 -13.15
N GLU A 259 16.68 -3.00 -13.16
CA GLU A 259 17.53 -2.72 -14.29
C GLU A 259 17.17 -3.48 -15.56
N GLN A 260 16.51 -4.62 -15.40
CA GLN A 260 16.10 -5.42 -16.56
C GLN A 260 14.72 -5.03 -17.09
N GLY A 261 14.14 -3.99 -16.50
CA GLY A 261 12.83 -3.51 -16.95
C GLY A 261 11.64 -4.37 -16.59
N ILE A 262 11.83 -5.34 -15.72
CA ILE A 262 10.75 -6.23 -15.31
C ILE A 262 9.75 -5.50 -14.40
N LEU A 263 10.26 -4.64 -13.53
CA LEU A 263 9.36 -3.90 -12.65
C LEU A 263 8.46 -3.00 -13.50
N ASP A 264 9.04 -2.43 -14.55
CA ASP A 264 8.27 -1.56 -15.45
C ASP A 264 7.24 -2.40 -16.18
N LYS A 265 7.63 -3.60 -16.58
CA LYS A 265 6.73 -4.52 -17.28
C LYS A 265 5.55 -4.92 -16.41
N LEU A 266 5.81 -5.23 -15.14
CA LEU A 266 4.76 -5.62 -14.22
C LEU A 266 3.78 -4.49 -13.92
N LYS A 267 4.30 -3.28 -13.79
CA LYS A 267 3.45 -2.12 -13.51
C LYS A 267 2.48 -1.93 -14.67
N ASN A 268 3.00 -1.94 -15.89
CA ASN A 268 2.18 -1.77 -17.08
C ASN A 268 1.13 -2.87 -17.15
N LYS A 269 1.56 -4.11 -16.87
CA LYS A 269 0.67 -5.26 -16.91
C LYS A 269 -0.53 -5.17 -16.00
N TRP A 270 -0.31 -4.82 -14.74
CA TRP A 270 -1.40 -4.74 -13.79
C TRP A 270 -2.15 -3.41 -13.67
N TRP A 271 -1.56 -2.34 -14.18
CA TRP A 271 -2.20 -1.02 -14.11
C TRP A 271 -2.84 -0.54 -15.40
N TYR A 272 -2.07 -0.54 -16.48
CA TYR A 272 -2.54 -0.01 -17.75
C TYR A 272 -2.94 -0.97 -18.86
N ASP A 273 -2.21 -2.07 -19.03
CA ASP A 273 -2.57 -3.02 -20.09
C ASP A 273 -4.00 -3.49 -19.86
N LYS A 274 -4.37 -3.64 -18.58
CA LYS A 274 -5.70 -4.08 -18.21
C LYS A 274 -6.59 -2.85 -17.95
N GLY A 275 -6.23 -1.73 -18.57
CA GLY A 275 -6.98 -0.51 -18.41
C GLY A 275 -8.43 -0.74 -18.82
N GLU A 276 -9.30 0.21 -18.52
CA GLU A 276 -10.72 0.09 -18.85
C GLU A 276 -11.39 1.44 -19.01
N CYS A 277 -10.65 2.51 -18.78
CA CYS A 277 -11.25 3.83 -18.90
C CYS A 277 -10.74 4.64 -20.09
ZN ZN B . -14.20 -15.46 -4.41
N GLU C . 1.71 1.40 1.88
CA GLU C . 1.16 1.85 3.19
C GLU C . 1.91 1.21 4.35
O GLU C . 1.52 1.45 5.52
CB GLU C . -0.33 1.48 3.28
CG GLU C . -1.24 2.36 2.44
CD GLU C . -1.45 3.75 3.04
OE1 GLU C . -1.90 4.65 2.30
OE2 GLU C . -1.18 3.92 4.24
OXT GLU C . 2.88 0.49 4.09
#